data_9GX4
#
_entry.id   9GX4
#
_cell.length_a   93.441
_cell.length_b   61.947
_cell.length_c   119.125
_cell.angle_alpha   90.000
_cell.angle_beta   101.980
_cell.angle_gamma   90.000
#
_symmetry.space_group_name_H-M   'C 1 2 1'
#
loop_
_entity.id
_entity.type
_entity.pdbx_description
1 polymer 'Peroxisome proliferator-activated receptor gamma'
2 non-polymer '4-[4-chloranyl-1-[2-chloranyl-6-(trifluoromethyl)phenyl]carbonyl-indazol-3-yl]-3-phenylmethoxy-benzoic acid'
3 water water
#
_entity_poly.entity_id   1
_entity_poly.type   'polypeptide(L)'
_entity_poly.pdbx_seq_one_letter_code
;GSHMESADLRALAKHLYDSYIKSFPLTKAKARAILTGKTTDKSPFVIYDMNSLMMGEDKIKFKHITPLQEQSKEVAIRIF
QGCQFRSVEAVQEITEYAKSIPGFVNLDLNDQVTLLKYGVHEIIYTMLASLMNKDGVLISEGQGFMTREFLKSLRKPFGD
FMEPKFEFAVKFNALELDDSDLAIFIAVIILSGDRPGLLNVKPIEDIQDNLLQALELQLKLNHPESSQLFAKLLQKMTDL
RQIVTEHVQLLQVIKKTETDMSLHPLLQEIYKDLY
;
_entity_poly.pdbx_strand_id   B,A
#
loop_
_chem_comp.id
_chem_comp.type
_chem_comp.name
_chem_comp.formula
A1IQC non-polymer '4-[4-chloranyl-1-[2-chloranyl-6-(trifluoromethyl)phenyl]carbonyl-indazol-3-yl]-3-phenylmethoxy-benzoic acid' 'C29 H17 Cl2 F3 N2 O4'
#
# COMPACT_ATOMS: atom_id res chain seq x y z
N MET A 4 14.37 1.05 -22.12
CA MET A 4 14.28 2.15 -23.07
C MET A 4 15.53 3.01 -22.98
N GLU A 5 15.84 3.75 -24.05
CA GLU A 5 16.96 4.69 -24.02
C GLU A 5 16.51 6.00 -23.37
N SER A 6 17.48 6.67 -22.73
CA SER A 6 17.16 7.83 -21.89
C SER A 6 16.41 8.90 -22.68
N ALA A 7 16.82 9.17 -23.92
CA ALA A 7 16.14 10.19 -24.71
C ALA A 7 14.68 9.82 -24.95
N ASP A 8 14.35 8.52 -24.96
CA ASP A 8 12.96 8.12 -25.15
C ASP A 8 12.15 8.37 -23.90
N LEU A 9 12.75 8.16 -22.72
CA LEU A 9 12.04 8.38 -21.48
C LEU A 9 11.68 9.85 -21.32
N ARG A 10 12.62 10.75 -21.64
CA ARG A 10 12.31 12.17 -21.56
C ARG A 10 11.19 12.54 -22.53
N ALA A 11 11.17 11.93 -23.71
CA ALA A 11 10.08 12.15 -24.65
C ALA A 11 8.76 11.68 -24.06
N LEU A 12 8.75 10.51 -23.43
CA LEU A 12 7.52 10.04 -22.83
C LEU A 12 7.07 11.00 -21.73
N ALA A 13 8.02 11.45 -20.90
CA ALA A 13 7.71 12.39 -19.82
C ALA A 13 7.14 13.70 -20.36
N LYS A 14 7.74 14.24 -21.42
CA LYS A 14 7.22 15.48 -22.00
C LYS A 14 5.82 15.28 -22.55
N HIS A 15 5.60 14.19 -23.29
CA HIS A 15 4.27 13.88 -23.83
C HIS A 15 3.23 13.86 -22.71
N LEU A 16 3.54 13.17 -21.63
CA LEU A 16 2.54 13.07 -20.57
C LEU A 16 2.30 14.43 -19.92
N TYR A 17 3.36 15.22 -19.70
CA TYR A 17 3.20 16.54 -19.11
C TYR A 17 2.29 17.43 -19.95
N ASP A 18 2.53 17.48 -21.27
CA ASP A 18 1.69 18.27 -22.16
C ASP A 18 0.23 17.85 -22.08
N SER A 19 -0.02 16.54 -22.12
CA SER A 19 -1.38 16.02 -22.04
C SER A 19 -2.03 16.34 -20.70
N TYR A 20 -1.26 16.21 -19.63
CA TYR A 20 -1.76 16.51 -18.30
C TYR A 20 -2.17 17.97 -18.17
N ILE A 21 -1.42 18.89 -18.79
CA ILE A 21 -1.80 20.31 -18.79
C ILE A 21 -3.12 20.51 -19.52
N LYS A 22 -3.31 19.83 -20.65
CA LYS A 22 -4.54 20.01 -21.42
C LYS A 22 -5.75 19.39 -20.74
N SER A 23 -5.54 18.33 -19.97
CA SER A 23 -6.68 17.61 -19.40
C SER A 23 -7.13 18.17 -18.07
N PHE A 24 -6.23 18.75 -17.30
CA PHE A 24 -6.60 19.21 -15.97
C PHE A 24 -6.51 20.73 -15.94
N PRO A 25 -7.64 21.43 -15.79
CA PRO A 25 -7.60 22.90 -15.93
C PRO A 25 -6.79 23.58 -14.83
N LEU A 26 -6.91 23.12 -13.59
CA LEU A 26 -6.25 23.76 -12.44
C LEU A 26 -5.03 22.94 -12.07
N THR A 27 -3.85 23.37 -12.51
CA THR A 27 -2.63 22.63 -12.27
C THR A 27 -2.10 22.89 -10.86
N LYS A 28 -1.15 22.05 -10.44
CA LYS A 28 -0.57 22.25 -9.11
C LYS A 28 0.20 23.56 -9.05
N ALA A 29 0.96 23.88 -10.09
CA ALA A 29 1.67 25.15 -10.13
C ALA A 29 0.70 26.31 -9.90
N LYS A 30 -0.41 26.32 -10.61
CA LYS A 30 -1.38 27.40 -10.44
C LYS A 30 -1.95 27.40 -9.04
N ALA A 31 -2.38 26.22 -8.56
CA ALA A 31 -2.93 26.13 -7.20
C ALA A 31 -1.98 26.68 -6.16
N ARG A 32 -0.68 26.38 -6.29
CA ARG A 32 0.28 26.85 -5.29
C ARG A 32 0.38 28.36 -5.29
N ALA A 33 0.24 28.99 -6.46
CA ALA A 33 0.21 30.45 -6.51
C ALA A 33 -0.95 31.00 -5.70
N ILE A 34 -2.14 30.40 -5.84
CA ILE A 34 -3.30 30.90 -5.12
C ILE A 34 -3.13 30.68 -3.61
N LEU A 35 -2.71 29.49 -3.21
CA LEU A 35 -2.66 29.21 -1.77
C LEU A 35 -1.64 30.09 -1.05
N THR A 36 -0.51 30.37 -1.70
CA THR A 36 0.55 31.16 -1.08
C THR A 36 0.25 32.66 -1.07
N GLY A 37 -0.81 33.09 -1.73
CA GLY A 37 -1.08 34.51 -1.78
C GLY A 37 -0.03 35.22 -2.62
N LYS A 38 0.36 34.62 -3.74
CA LYS A 38 1.43 35.13 -4.57
C LYS A 38 0.87 35.93 -5.74
N LYS A 42 -6.20 38.37 -7.55
CA LYS A 42 -7.60 37.99 -7.35
C LYS A 42 -7.72 36.93 -6.24
N SER A 43 -7.99 37.40 -5.03
CA SER A 43 -8.10 36.51 -3.87
C SER A 43 -9.34 35.63 -3.99
N PRO A 44 -9.23 34.35 -3.65
CA PRO A 44 -10.41 33.47 -3.72
C PRO A 44 -11.41 33.82 -2.64
N PHE A 45 -12.67 33.45 -2.87
CA PHE A 45 -13.68 33.57 -1.83
C PHE A 45 -13.48 32.50 -0.77
N VAL A 46 -13.43 32.91 0.50
CA VAL A 46 -13.08 32.02 1.59
C VAL A 46 -14.34 31.59 2.32
N ILE A 47 -14.47 30.29 2.53
CA ILE A 47 -15.56 29.70 3.30
C ILE A 47 -14.93 29.14 4.56
N TYR A 48 -15.31 29.70 5.71
CA TYR A 48 -14.72 29.34 6.98
C TYR A 48 -15.76 29.00 8.02
N ASP A 49 -17.04 29.20 7.72
CA ASP A 49 -18.15 28.96 8.64
C ASP A 49 -19.45 28.91 7.86
N MET A 50 -20.56 28.81 8.60
CA MET A 50 -21.87 28.66 7.97
C MET A 50 -22.25 29.90 7.16
N ASN A 51 -22.09 31.11 7.72
CA ASN A 51 -22.59 32.30 7.04
C ASN A 51 -21.81 32.60 5.76
N SER A 52 -20.49 32.41 5.77
CA SER A 52 -19.76 32.67 4.53
C SER A 52 -20.16 31.66 3.46
N LEU A 53 -20.51 30.43 3.86
CA LEU A 53 -21.05 29.46 2.90
C LEU A 53 -22.28 30.03 2.21
N MET A 54 -23.21 30.57 2.99
CA MET A 54 -24.46 31.09 2.41
C MET A 54 -24.19 32.24 1.46
N MET A 55 -23.18 33.07 1.75
CA MET A 55 -22.81 34.12 0.82
C MET A 55 -22.05 33.56 -0.39
N GLY A 56 -21.29 32.48 -0.16
CA GLY A 56 -20.47 31.94 -1.23
C GLY A 56 -21.29 31.46 -2.41
N GLU A 57 -22.39 30.74 -2.15
CA GLU A 57 -23.22 30.28 -3.25
C GLU A 57 -23.91 31.43 -3.96
N ASP A 58 -24.32 32.47 -3.20
CA ASP A 58 -25.05 33.59 -3.78
C ASP A 58 -24.15 34.41 -4.71
N LYS A 59 -22.94 34.74 -4.26
CA LYS A 59 -22.10 35.64 -5.05
C LYS A 59 -21.38 34.90 -6.18
N ILE A 60 -20.79 33.75 -5.88
CA ILE A 60 -20.22 32.87 -6.89
C ILE A 60 -21.09 31.61 -6.94
N LYS A 61 -21.67 31.34 -8.11
CA LYS A 61 -22.52 30.16 -8.25
C LYS A 61 -21.66 28.90 -8.17
N PHE A 62 -21.74 28.20 -7.05
CA PHE A 62 -21.10 26.89 -6.92
C PHE A 62 -22.08 25.84 -7.41
N LYS A 63 -21.74 25.19 -8.52
CA LYS A 63 -22.66 24.22 -9.15
C LYS A 63 -22.63 22.86 -8.48
N HIS A 64 -21.58 22.58 -7.69
CA HIS A 64 -21.62 21.45 -6.79
C HIS A 64 -22.48 21.72 -5.55
N ILE A 65 -22.71 22.99 -5.20
CA ILE A 65 -23.57 23.33 -4.07
C ILE A 65 -24.56 24.42 -4.45
N THR A 66 -25.52 24.09 -5.32
CA THR A 66 -26.66 24.96 -5.58
C THR A 66 -27.85 24.43 -4.80
N LYS A 73 -32.10 21.69 2.45
CA LYS A 73 -31.37 20.51 2.90
C LYS A 73 -30.30 20.93 3.92
N GLU A 74 -29.82 19.96 4.68
CA GLU A 74 -28.83 20.23 5.71
C GLU A 74 -27.48 20.55 5.06
N VAL A 75 -26.70 21.43 5.71
CA VAL A 75 -25.46 21.91 5.13
C VAL A 75 -24.46 20.78 4.95
N ALA A 76 -24.24 19.97 6.00
CA ALA A 76 -23.23 18.93 5.89
C ALA A 76 -23.58 17.93 4.79
N ILE A 77 -24.88 17.70 4.54
CA ILE A 77 -25.30 16.86 3.42
C ILE A 77 -24.99 17.55 2.11
N ARG A 78 -25.43 18.80 1.97
CA ARG A 78 -25.13 19.61 0.78
C ARG A 78 -23.66 19.50 0.38
N ILE A 79 -22.76 19.67 1.35
CA ILE A 79 -21.33 19.65 1.06
C ILE A 79 -20.86 18.26 0.66
N PHE A 80 -21.31 17.22 1.36
CA PHE A 80 -20.91 15.88 0.99
C PHE A 80 -21.29 15.58 -0.45
N GLN A 81 -22.54 15.89 -0.83
CA GLN A 81 -23.01 15.66 -2.19
C GLN A 81 -22.27 16.51 -3.20
N GLY A 82 -21.91 17.74 -2.83
CA GLY A 82 -21.13 18.57 -3.74
C GLY A 82 -19.78 17.96 -4.07
N CYS A 83 -19.18 17.26 -3.10
CA CYS A 83 -17.94 16.55 -3.37
C CYS A 83 -18.18 15.43 -4.37
N GLN A 84 -19.35 14.79 -4.31
CA GLN A 84 -19.70 13.77 -5.29
C GLN A 84 -19.74 14.35 -6.70
N PHE A 85 -20.46 15.47 -6.87
CA PHE A 85 -20.55 16.14 -8.17
C PHE A 85 -19.18 16.39 -8.75
N ARG A 86 -18.27 16.90 -7.93
CA ARG A 86 -16.96 17.26 -8.46
C ARG A 86 -16.14 16.02 -8.76
N SER A 87 -16.30 14.96 -7.97
CA SER A 87 -15.62 13.70 -8.25
C SER A 87 -16.07 13.12 -9.59
N VAL A 88 -17.36 13.24 -9.89
CA VAL A 88 -17.85 12.82 -11.20
C VAL A 88 -17.19 13.64 -12.30
N GLU A 89 -17.10 14.96 -12.13
CA GLU A 89 -16.39 15.78 -13.12
C GLU A 89 -14.95 15.33 -13.29
N ALA A 90 -14.25 15.10 -12.18
CA ALA A 90 -12.85 14.67 -12.25
C ALA A 90 -12.69 13.35 -13.00
N VAL A 91 -13.61 12.40 -12.80
CA VAL A 91 -13.49 11.11 -13.49
C VAL A 91 -13.39 11.29 -15.01
N GLN A 92 -14.20 12.19 -15.58
CA GLN A 92 -14.12 12.43 -17.01
C GLN A 92 -12.80 13.07 -17.38
N GLU A 93 -12.23 13.92 -16.52
CA GLU A 93 -10.94 14.48 -16.88
C GLU A 93 -9.87 13.40 -16.87
N ILE A 94 -9.89 12.52 -15.86
CA ILE A 94 -8.89 11.45 -15.80
C ILE A 94 -9.04 10.48 -16.99
N THR A 95 -10.28 10.20 -17.39
CA THR A 95 -10.53 9.30 -18.52
C THR A 95 -9.93 9.86 -19.80
N GLU A 96 -10.03 11.17 -20.00
CA GLU A 96 -9.43 11.80 -21.17
C GLU A 96 -7.92 11.72 -21.11
N TYR A 97 -7.33 12.00 -19.93
CA TYR A 97 -5.89 11.91 -19.78
C TYR A 97 -5.37 10.50 -20.08
N ALA A 98 -6.01 9.48 -19.52
CA ALA A 98 -5.54 8.10 -19.73
C ALA A 98 -5.42 7.75 -21.21
N LYS A 99 -6.34 8.25 -22.04
CA LYS A 99 -6.27 7.96 -23.46
C LYS A 99 -5.00 8.50 -24.11
N SER A 100 -4.35 9.48 -23.50
CA SER A 100 -3.12 9.98 -24.09
C SER A 100 -1.89 9.18 -23.69
N ILE A 101 -2.03 8.21 -22.78
CA ILE A 101 -0.90 7.40 -22.33
C ILE A 101 -0.55 6.38 -23.42
N PRO A 102 0.66 6.44 -24.01
CA PRO A 102 1.02 5.49 -25.07
C PRO A 102 0.67 4.06 -24.71
N GLY A 103 -0.12 3.40 -25.55
CA GLY A 103 -0.49 2.02 -25.39
C GLY A 103 -1.85 1.79 -24.76
N PHE A 104 -2.41 2.78 -24.04
CA PHE A 104 -3.63 2.56 -23.27
C PHE A 104 -4.81 2.18 -24.16
N VAL A 105 -5.05 2.96 -25.22
CA VAL A 105 -6.23 2.73 -26.04
C VAL A 105 -6.10 1.44 -26.85
N ASN A 106 -4.88 0.93 -27.03
CA ASN A 106 -4.74 -0.34 -27.73
C ASN A 106 -5.06 -1.53 -26.84
N LEU A 107 -5.33 -1.32 -25.56
CA LEU A 107 -5.67 -2.43 -24.69
C LEU A 107 -7.11 -2.86 -24.92
N ASP A 108 -7.40 -4.10 -24.57
CA ASP A 108 -8.76 -4.64 -24.52
C ASP A 108 -9.70 -3.65 -23.83
N LEU A 109 -10.84 -3.38 -24.48
CA LEU A 109 -11.75 -2.35 -23.99
C LEU A 109 -12.19 -2.62 -22.55
N ASN A 110 -12.49 -3.88 -22.24
CA ASN A 110 -12.91 -4.23 -20.88
C ASN A 110 -11.81 -3.92 -19.87
N ASP A 111 -10.55 -4.13 -20.25
CA ASP A 111 -9.44 -3.86 -19.36
C ASP A 111 -9.25 -2.35 -19.14
N GLN A 112 -9.41 -1.56 -20.19
CA GLN A 112 -9.41 -0.11 -20.05
C GLN A 112 -10.46 0.34 -19.04
N VAL A 113 -11.68 -0.17 -19.17
CA VAL A 113 -12.74 0.20 -18.24
C VAL A 113 -12.36 -0.22 -16.83
N THR A 114 -11.72 -1.39 -16.72
CA THR A 114 -11.38 -1.92 -15.41
C THR A 114 -10.29 -1.10 -14.73
N LEU A 115 -9.26 -0.71 -15.49
CA LEU A 115 -8.20 0.13 -14.93
C LEU A 115 -8.74 1.48 -14.45
N LEU A 116 -9.65 2.09 -15.21
CA LEU A 116 -10.18 3.38 -14.78
C LEU A 116 -11.07 3.23 -13.56
N LYS A 117 -11.98 2.25 -13.61
CA LYS A 117 -12.90 1.99 -12.50
C LYS A 117 -12.17 1.92 -11.16
N TYR A 118 -11.07 1.17 -11.08
CA TYR A 118 -10.41 0.96 -9.81
C TYR A 118 -9.31 1.98 -9.53
N GLY A 119 -8.96 2.82 -10.50
CA GLY A 119 -7.88 3.77 -10.34
C GLY A 119 -8.28 5.20 -9.99
N VAL A 120 -9.50 5.61 -10.38
CA VAL A 120 -9.88 7.03 -10.33
C VAL A 120 -9.83 7.54 -8.90
N HIS A 121 -10.23 6.71 -7.92
CA HIS A 121 -10.19 7.15 -6.54
C HIS A 121 -8.77 7.48 -6.10
N GLU A 122 -7.82 6.58 -6.38
CA GLU A 122 -6.43 6.87 -6.07
C GLU A 122 -5.95 8.15 -6.74
N ILE A 123 -6.37 8.39 -7.99
CA ILE A 123 -5.92 9.59 -8.67
C ILE A 123 -6.61 10.83 -8.12
N ILE A 124 -7.90 10.74 -7.82
CA ILE A 124 -8.58 11.90 -7.25
C ILE A 124 -7.90 12.31 -5.95
N TYR A 125 -7.59 11.34 -5.09
CA TYR A 125 -6.95 11.68 -3.83
C TYR A 125 -5.57 12.29 -4.07
N THR A 126 -4.82 11.73 -5.01
CA THR A 126 -3.50 12.26 -5.32
C THR A 126 -3.58 13.71 -5.75
N MET A 127 -4.50 13.99 -6.68
CA MET A 127 -4.57 15.30 -7.31
C MET A 127 -5.23 16.31 -6.39
N LEU A 128 -6.11 15.83 -5.51
CA LEU A 128 -6.70 16.70 -4.48
C LEU A 128 -5.62 17.29 -3.57
N ALA A 129 -4.52 16.57 -3.34
CA ALA A 129 -3.43 17.13 -2.55
C ALA A 129 -2.81 18.35 -3.21
N SER A 130 -2.84 18.43 -4.54
CA SER A 130 -2.34 19.62 -5.20
C SER A 130 -3.16 20.85 -4.85
N LEU A 131 -4.42 20.67 -4.43
CA LEU A 131 -5.31 21.78 -4.12
C LEU A 131 -5.46 22.04 -2.63
N MET A 132 -4.71 21.33 -1.79
CA MET A 132 -4.84 21.45 -0.35
C MET A 132 -3.54 21.96 0.26
N ASN A 133 -3.66 22.68 1.37
CA ASN A 133 -2.55 22.83 2.30
C ASN A 133 -3.07 22.45 3.68
N LYS A 134 -2.25 22.64 4.71
CA LYS A 134 -2.62 22.24 6.06
C LYS A 134 -3.86 22.96 6.57
N ASP A 135 -4.28 24.05 5.91
CA ASP A 135 -5.35 24.89 6.42
C ASP A 135 -6.65 24.84 5.62
N GLY A 136 -6.64 24.30 4.41
CA GLY A 136 -7.87 24.20 3.64
C GLY A 136 -7.60 23.75 2.22
N VAL A 137 -8.63 23.90 1.38
CA VAL A 137 -8.64 23.35 0.02
C VAL A 137 -9.27 24.33 -0.95
N LEU A 138 -8.65 24.47 -2.11
CA LEU A 138 -9.25 25.24 -3.20
C LEU A 138 -10.45 24.50 -3.77
N ILE A 139 -11.49 25.25 -4.16
CA ILE A 139 -12.68 24.67 -4.76
C ILE A 139 -13.11 25.51 -5.96
N SER A 140 -14.02 24.92 -6.76
CA SER A 140 -14.62 25.51 -7.96
C SER A 140 -13.57 26.19 -8.85
N GLU A 141 -12.70 25.36 -9.41
CA GLU A 141 -11.67 25.83 -10.35
C GLU A 141 -10.81 26.91 -9.72
N GLY A 142 -10.64 26.83 -8.40
CA GLY A 142 -9.77 27.72 -7.69
C GLY A 142 -10.37 29.06 -7.29
N GLN A 143 -11.65 29.31 -7.55
CA GLN A 143 -12.24 30.58 -7.13
C GLN A 143 -12.54 30.61 -5.64
N GLY A 144 -12.65 29.46 -4.99
CA GLY A 144 -12.96 29.40 -3.58
C GLY A 144 -11.87 28.73 -2.76
N PHE A 145 -11.99 28.86 -1.44
CA PHE A 145 -11.11 28.20 -0.48
C PHE A 145 -11.97 27.81 0.70
N MET A 146 -12.10 26.51 0.95
CA MET A 146 -12.84 26.01 2.09
C MET A 146 -11.85 25.61 3.17
N THR A 147 -12.04 26.12 4.38
CA THR A 147 -11.04 25.85 5.39
C THR A 147 -11.13 24.41 5.87
N ARG A 148 -9.98 23.87 6.27
CA ARG A 148 -9.92 22.56 6.92
C ARG A 148 -10.83 22.53 8.14
N GLU A 149 -10.74 23.57 8.97
CA GLU A 149 -11.48 23.60 10.22
C GLU A 149 -12.99 23.55 9.99
N PHE A 150 -13.47 24.25 8.96
CA PHE A 150 -14.90 24.20 8.66
C PHE A 150 -15.33 22.80 8.22
N LEU A 151 -14.53 22.16 7.35
CA LEU A 151 -14.80 20.79 6.96
C LEU A 151 -14.74 19.85 8.16
N LYS A 152 -13.69 19.97 8.97
CA LYS A 152 -13.52 19.08 10.11
C LYS A 152 -14.70 19.15 11.08
N SER A 153 -15.34 20.31 11.18
CA SER A 153 -16.38 20.51 12.18
C SER A 153 -17.78 20.16 11.67
N LEU A 154 -17.89 19.60 10.48
CA LEU A 154 -19.21 19.15 10.04
C LEU A 154 -19.71 18.03 10.94
N ARG A 155 -21.03 18.00 11.16
CA ARG A 155 -21.59 17.19 12.22
C ARG A 155 -21.44 15.69 11.89
N LYS A 156 -21.86 14.87 12.86
CA LYS A 156 -22.01 13.41 12.88
C LYS A 156 -20.87 12.73 12.11
N PRO A 157 -21.04 11.93 11.04
CA PRO A 157 -19.84 11.34 10.43
C PRO A 157 -19.21 12.18 9.33
N PHE A 158 -19.83 13.29 8.95
CA PHE A 158 -19.35 14.03 7.79
C PHE A 158 -18.05 14.76 8.11
N GLY A 159 -17.93 15.27 9.34
CA GLY A 159 -16.67 15.89 9.74
C GLY A 159 -15.49 14.94 9.64
N ASP A 160 -15.70 13.69 10.01
CA ASP A 160 -14.61 12.72 10.05
C ASP A 160 -14.36 12.10 8.70
N PHE A 161 -15.03 12.60 7.67
CA PHE A 161 -14.97 12.16 6.29
C PHE A 161 -13.91 12.93 5.51
N MET A 162 -13.76 14.21 5.85
CA MET A 162 -12.90 15.10 5.09
C MET A 162 -11.47 15.14 5.65
N GLU A 163 -11.33 15.01 6.96
CA GLU A 163 -10.01 15.13 7.57
C GLU A 163 -9.00 14.10 7.08
N PRO A 164 -9.33 12.81 6.91
CA PRO A 164 -8.32 11.87 6.36
C PRO A 164 -7.66 12.36 5.08
N LYS A 165 -8.41 13.08 4.26
CA LYS A 165 -7.88 13.63 3.01
C LYS A 165 -6.77 14.65 3.28
N PHE A 166 -7.01 15.57 4.22
CA PHE A 166 -5.99 16.54 4.61
C PHE A 166 -4.76 15.85 5.18
N GLU A 167 -4.96 14.85 6.02
CA GLU A 167 -3.84 14.17 6.64
C GLU A 167 -2.94 13.51 5.60
N PHE A 168 -3.53 12.84 4.61
CA PHE A 168 -2.73 12.31 3.51
C PHE A 168 -2.02 13.44 2.77
N ALA A 169 -2.78 14.47 2.37
CA ALA A 169 -2.23 15.55 1.55
C ALA A 169 -1.02 16.20 2.18
N VAL A 170 -1.10 16.50 3.48
CA VAL A 170 0.03 17.09 4.18
C VAL A 170 1.27 16.22 4.02
N LYS A 171 1.14 14.92 4.29
CA LYS A 171 2.28 14.04 4.13
C LYS A 171 2.74 14.01 2.66
N PHE A 172 1.79 13.87 1.73
CA PHE A 172 2.16 13.72 0.32
C PHE A 172 2.87 14.96 -0.21
N ASN A 173 2.35 16.14 0.12
CA ASN A 173 2.92 17.38 -0.37
C ASN A 173 4.35 17.60 0.12
N ALA A 174 4.74 16.95 1.23
CA ALA A 174 6.12 17.06 1.71
C ALA A 174 7.14 16.52 0.73
N LEU A 175 6.71 15.72 -0.24
CA LEU A 175 7.62 15.24 -1.27
C LEU A 175 7.94 16.32 -2.30
N GLU A 176 7.12 17.35 -2.39
CA GLU A 176 7.37 18.51 -3.24
C GLU A 176 7.46 18.13 -4.72
N LEU A 177 6.54 17.27 -5.15
CA LEU A 177 6.44 16.98 -6.57
C LEU A 177 5.81 18.17 -7.31
N ASP A 178 6.20 18.34 -8.56
CA ASP A 178 5.54 19.30 -9.43
C ASP A 178 4.69 18.55 -10.45
N ASP A 179 4.07 19.31 -11.36
CA ASP A 179 3.12 18.75 -12.32
C ASP A 179 3.80 17.76 -13.26
N SER A 180 5.02 18.06 -13.72
CA SER A 180 5.70 17.12 -14.60
C SER A 180 5.99 15.79 -13.90
N ASP A 181 6.26 15.82 -12.59
CA ASP A 181 6.39 14.59 -11.82
C ASP A 181 5.05 13.87 -11.71
N LEU A 182 3.99 14.63 -11.40
CA LEU A 182 2.69 14.03 -11.13
C LEU A 182 2.10 13.40 -12.39
N ALA A 183 2.32 14.03 -13.56
CA ALA A 183 1.83 13.47 -14.80
C ALA A 183 2.27 12.02 -14.99
N ILE A 184 3.53 11.71 -14.71
CA ILE A 184 3.97 10.32 -14.84
C ILE A 184 3.46 9.47 -13.69
N PHE A 185 3.48 9.99 -12.47
CA PHE A 185 2.95 9.23 -11.34
C PHE A 185 1.50 8.83 -11.58
N ILE A 186 0.68 9.76 -12.08
CA ILE A 186 -0.72 9.47 -12.35
C ILE A 186 -0.84 8.34 -13.38
N ALA A 187 -0.01 8.38 -14.42
CA ALA A 187 -0.01 7.35 -15.44
C ALA A 187 0.29 5.98 -14.83
N VAL A 188 1.31 5.93 -13.96
CA VAL A 188 1.72 4.68 -13.29
C VAL A 188 0.55 4.07 -12.53
N ILE A 189 -0.23 4.91 -11.84
CA ILE A 189 -1.37 4.39 -11.08
C ILE A 189 -2.37 3.72 -11.98
N ILE A 190 -2.69 4.36 -13.11
CA ILE A 190 -3.73 3.84 -14.00
C ILE A 190 -3.34 2.46 -14.49
N LEU A 191 -2.09 2.30 -14.88
CA LEU A 191 -1.63 1.05 -15.48
C LEU A 191 -1.22 0.04 -14.40
N SER A 192 -2.11 -0.23 -13.46
CA SER A 192 -1.82 -1.19 -12.40
C SER A 192 -2.27 -2.60 -12.82
N GLY A 193 -1.33 -3.51 -12.89
CA GLY A 193 -1.73 -4.84 -13.35
C GLY A 193 -2.41 -5.72 -12.33
N ASP A 194 -2.57 -5.27 -11.09
CA ASP A 194 -3.20 -6.13 -10.10
C ASP A 194 -4.67 -5.80 -9.89
N ARG A 195 -5.30 -5.06 -10.82
CA ARG A 195 -6.71 -4.76 -10.64
C ARG A 195 -7.53 -6.03 -10.86
N PRO A 196 -8.55 -6.26 -10.04
CA PRO A 196 -9.40 -7.45 -10.23
C PRO A 196 -10.03 -7.46 -11.61
N GLY A 197 -10.08 -8.65 -12.21
CA GLY A 197 -10.83 -8.86 -13.44
C GLY A 197 -10.11 -8.52 -14.71
N LEU A 198 -8.81 -8.23 -14.66
CA LEU A 198 -8.09 -7.90 -15.89
C LEU A 198 -7.97 -9.13 -16.79
N LEU A 199 -8.23 -8.94 -18.08
CA LEU A 199 -8.16 -10.04 -19.03
C LEU A 199 -6.75 -10.29 -19.54
N ASN A 200 -6.00 -9.22 -19.85
CA ASN A 200 -4.67 -9.34 -20.44
C ASN A 200 -3.67 -8.46 -19.66
N VAL A 201 -3.16 -9.00 -18.56
CA VAL A 201 -2.25 -8.26 -17.69
C VAL A 201 -0.96 -7.88 -18.39
N LYS A 202 -0.49 -8.71 -19.30
CA LYS A 202 0.86 -8.54 -19.83
C LYS A 202 1.11 -7.17 -20.44
N PRO A 203 0.32 -6.68 -21.41
CA PRO A 203 0.59 -5.37 -21.98
C PRO A 203 0.39 -4.24 -20.99
N ILE A 204 -0.44 -4.42 -19.97
CA ILE A 204 -0.60 -3.40 -18.94
C ILE A 204 0.69 -3.25 -18.14
N GLU A 205 1.26 -4.38 -17.69
CA GLU A 205 2.51 -4.31 -16.95
C GLU A 205 3.65 -3.84 -17.83
N ASP A 206 3.62 -4.16 -19.12
CA ASP A 206 4.68 -3.67 -20.00
C ASP A 206 4.66 -2.15 -20.07
N ILE A 207 3.47 -1.55 -20.18
CA ILE A 207 3.40 -0.10 -20.21
C ILE A 207 3.86 0.48 -18.87
N GLN A 208 3.43 -0.14 -17.77
CA GLN A 208 3.79 0.40 -16.47
C GLN A 208 5.29 0.39 -16.27
N ASP A 209 6.00 -0.64 -16.75
CA ASP A 209 7.46 -0.65 -16.63
C ASP A 209 8.07 0.53 -17.36
N ASN A 210 7.56 0.86 -18.55
CA ASN A 210 8.07 2.02 -19.26
C ASN A 210 7.77 3.30 -18.49
N LEU A 211 6.57 3.39 -17.92
CA LEU A 211 6.22 4.55 -17.13
C LEU A 211 7.07 4.64 -15.87
N LEU A 212 7.32 3.50 -15.23
CA LEU A 212 8.16 3.52 -14.04
C LEU A 212 9.58 3.95 -14.40
N GLN A 213 10.11 3.42 -15.52
CA GLN A 213 11.40 3.90 -16.02
C GLN A 213 11.38 5.40 -16.25
N ALA A 214 10.29 5.92 -16.81
CA ALA A 214 10.24 7.34 -17.10
C ALA A 214 10.17 8.15 -15.82
N LEU A 215 9.35 7.70 -14.86
CA LEU A 215 9.22 8.44 -13.61
C LEU A 215 10.54 8.46 -12.85
N GLU A 216 11.24 7.33 -12.84
CA GLU A 216 12.52 7.23 -12.14
C GLU A 216 13.52 8.24 -12.68
N LEU A 217 13.64 8.34 -13.99
CA LEU A 217 14.59 9.26 -14.59
C LEU A 217 14.16 10.70 -14.34
N GLN A 218 12.86 10.94 -14.42
CA GLN A 218 12.31 12.29 -14.18
C GLN A 218 12.67 12.78 -12.78
N LEU A 219 12.48 11.93 -11.77
CA LEU A 219 12.76 12.32 -10.39
C LEU A 219 14.23 12.57 -10.17
N LYS A 220 15.11 11.77 -10.79
CA LYS A 220 16.54 11.94 -10.63
C LYS A 220 17.01 13.26 -11.24
N LEU A 221 16.50 13.61 -12.42
CA LEU A 221 16.92 14.84 -13.08
C LEU A 221 16.29 16.06 -12.42
N ASN A 222 15.02 15.97 -12.04
CA ASN A 222 14.29 17.11 -11.53
C ASN A 222 14.50 17.33 -10.03
N HIS A 223 14.97 16.30 -9.32
CA HIS A 223 15.22 16.39 -7.88
C HIS A 223 16.52 15.66 -7.57
N PRO A 224 17.64 16.10 -8.14
CA PRO A 224 18.89 15.35 -7.98
C PRO A 224 19.34 15.23 -6.54
N GLU A 225 18.89 16.11 -5.66
CA GLU A 225 19.32 16.13 -4.28
C GLU A 225 18.42 15.33 -3.36
N SER A 226 17.26 14.86 -3.86
CA SER A 226 16.26 14.18 -3.06
C SER A 226 16.46 12.68 -3.16
N SER A 227 17.23 12.13 -2.22
CA SER A 227 17.66 10.74 -2.32
C SER A 227 16.49 9.77 -2.18
N GLN A 228 16.43 8.80 -3.10
CA GLN A 228 15.42 7.75 -3.09
C GLN A 228 14.00 8.31 -3.07
N LEU A 229 13.79 9.41 -3.79
CA LEU A 229 12.45 9.96 -3.92
C LEU A 229 11.55 9.00 -4.69
N PHE A 230 12.10 8.32 -5.70
CA PHE A 230 11.38 7.30 -6.44
C PHE A 230 10.76 6.27 -5.52
N ALA A 231 11.61 5.65 -4.68
CA ALA A 231 11.11 4.68 -3.71
C ALA A 231 10.07 5.29 -2.79
N LYS A 232 10.32 6.50 -2.29
CA LYS A 232 9.41 7.13 -1.34
C LYS A 232 8.04 7.39 -1.95
N LEU A 233 8.02 7.87 -3.20
CA LEU A 233 6.76 8.05 -3.90
C LEU A 233 6.03 6.72 -4.10
N LEU A 234 6.76 5.65 -4.40
CA LEU A 234 6.07 4.37 -4.55
C LEU A 234 5.49 3.90 -3.23
N GLN A 235 6.17 4.17 -2.12
CA GLN A 235 5.61 3.81 -0.82
C GLN A 235 4.30 4.55 -0.55
N LYS A 236 4.12 5.73 -1.15
CA LYS A 236 2.85 6.44 -0.97
C LYS A 236 1.68 5.69 -1.59
N MET A 237 1.94 4.79 -2.53
CA MET A 237 0.81 4.04 -3.06
C MET A 237 0.22 3.10 -2.02
N THR A 238 0.93 2.80 -0.94
CA THR A 238 0.30 2.14 0.20
C THR A 238 -0.67 3.09 0.90
N ASP A 239 -0.24 4.32 1.16
CA ASP A 239 -1.14 5.27 1.81
C ASP A 239 -2.40 5.49 0.98
N LEU A 240 -2.30 5.48 -0.35
CA LEU A 240 -3.48 5.70 -1.17
C LEU A 240 -4.46 4.55 -1.08
N ARG A 241 -3.97 3.32 -1.25
CA ARG A 241 -4.86 2.16 -1.22
C ARG A 241 -5.63 2.12 0.08
N GLN A 242 -4.94 2.39 1.20
CA GLN A 242 -5.57 2.32 2.51
C GLN A 242 -6.63 3.40 2.68
N ILE A 243 -6.34 4.61 2.19
CA ILE A 243 -7.31 5.69 2.34
C ILE A 243 -8.53 5.43 1.45
N VAL A 244 -8.34 4.86 0.26
CA VAL A 244 -9.47 4.49 -0.60
C VAL A 244 -10.36 3.45 0.08
N THR A 245 -9.75 2.42 0.68
CA THR A 245 -10.54 1.43 1.40
C THR A 245 -11.34 2.08 2.53
N GLU A 246 -10.68 2.89 3.34
CA GLU A 246 -11.38 3.60 4.41
C GLU A 246 -12.55 4.39 3.87
N HIS A 247 -12.32 5.09 2.76
CA HIS A 247 -13.36 5.93 2.18
C HIS A 247 -14.60 5.10 1.82
N VAL A 248 -14.39 3.96 1.17
CA VAL A 248 -15.48 3.10 0.74
C VAL A 248 -16.32 2.66 1.93
N GLN A 249 -15.66 2.27 3.02
CA GLN A 249 -16.36 1.87 4.23
C GLN A 249 -17.14 3.02 4.85
N LEU A 250 -16.63 4.25 4.76
CA LEU A 250 -17.39 5.38 5.30
C LEU A 250 -18.66 5.61 4.49
N LEU A 251 -18.57 5.48 3.17
CA LEU A 251 -19.78 5.57 2.34
C LEU A 251 -20.84 4.59 2.82
N GLN A 252 -20.46 3.31 2.95
CA GLN A 252 -21.41 2.29 3.39
C GLN A 252 -22.11 2.68 4.69
N VAL A 253 -21.36 3.28 5.61
CA VAL A 253 -21.96 3.70 6.88
C VAL A 253 -23.01 4.77 6.65
N ILE A 254 -22.73 5.72 5.77
CA ILE A 254 -23.69 6.79 5.49
C ILE A 254 -24.92 6.24 4.81
N LYS A 255 -24.75 5.33 3.84
CA LYS A 255 -25.89 4.75 3.14
C LYS A 255 -26.83 4.02 4.10
N LYS A 256 -26.29 3.40 5.14
CA LYS A 256 -27.10 2.60 6.04
C LYS A 256 -27.65 3.38 7.24
N THR A 257 -27.19 4.61 7.45
CA THR A 257 -27.53 5.40 8.63
C THR A 257 -28.36 6.65 8.34
N GLU A 258 -28.11 7.33 7.22
CA GLU A 258 -28.69 8.65 6.98
C GLU A 258 -29.98 8.55 6.15
N THR A 259 -31.10 8.87 6.78
CA THR A 259 -32.41 8.90 6.13
C THR A 259 -32.58 10.08 5.17
N ASP A 260 -31.73 11.11 5.26
CA ASP A 260 -31.89 12.37 4.54
C ASP A 260 -31.09 12.48 3.24
N MET A 261 -30.52 11.39 2.72
CA MET A 261 -29.58 11.53 1.61
C MET A 261 -30.19 11.42 0.23
N SER A 262 -31.41 10.90 0.10
CA SER A 262 -31.89 10.53 -1.23
C SER A 262 -32.01 11.77 -2.11
N LEU A 263 -31.61 11.59 -3.37
CA LEU A 263 -31.72 12.57 -4.44
C LEU A 263 -32.71 12.06 -5.47
N HIS A 264 -32.88 12.85 -6.53
CA HIS A 264 -33.67 12.41 -7.67
C HIS A 264 -33.14 11.09 -8.20
N PRO A 265 -34.01 10.12 -8.51
CA PRO A 265 -33.54 8.80 -9.02
C PRO A 265 -32.49 8.90 -10.11
N LEU A 266 -32.71 9.80 -11.07
CA LEU A 266 -31.74 10.05 -12.13
C LEU A 266 -30.40 10.52 -11.58
N LEU A 267 -30.42 11.44 -10.60
CA LEU A 267 -29.16 11.88 -9.99
C LEU A 267 -28.47 10.72 -9.28
N GLN A 268 -29.23 9.91 -8.53
CA GLN A 268 -28.67 8.72 -7.92
C GLN A 268 -27.96 7.84 -8.93
N GLU A 269 -28.57 7.66 -10.12
CA GLU A 269 -27.91 6.83 -11.13
C GLU A 269 -26.62 7.47 -11.60
N ILE A 270 -26.63 8.79 -11.81
CA ILE A 270 -25.42 9.48 -12.25
C ILE A 270 -24.27 9.22 -11.27
N TYR A 271 -24.57 9.24 -9.98
CA TYR A 271 -23.60 9.11 -8.89
C TYR A 271 -23.42 7.66 -8.40
N LYS A 272 -23.89 6.66 -9.14
CA LYS A 272 -23.79 5.27 -8.72
C LYS A 272 -22.41 4.81 -8.19
N HIS B 3 23.23 9.79 0.72
CA HIS B 3 23.88 9.11 -0.40
C HIS B 3 25.11 8.29 0.05
N MET B 4 25.31 7.13 -0.59
CA MET B 4 26.39 6.21 -0.23
C MET B 4 27.15 5.76 -1.47
N GLU B 5 28.39 5.33 -1.25
CA GLU B 5 29.22 4.78 -2.32
C GLU B 5 28.89 3.31 -2.58
N SER B 6 29.06 2.92 -3.84
CA SER B 6 28.64 1.60 -4.29
C SER B 6 29.26 0.49 -3.44
N ALA B 7 30.56 0.60 -3.16
CA ALA B 7 31.21 -0.40 -2.31
C ALA B 7 30.65 -0.41 -0.90
N ASP B 8 30.15 0.74 -0.43
CA ASP B 8 29.60 0.78 0.92
C ASP B 8 28.26 0.07 0.97
N LEU B 9 27.47 0.22 -0.09
CA LEU B 9 26.17 -0.43 -0.18
C LEU B 9 26.32 -1.95 -0.29
N ARG B 10 27.31 -2.41 -1.07
CA ARG B 10 27.54 -3.86 -1.10
C ARG B 10 27.92 -4.36 0.28
N ALA B 11 28.70 -3.58 1.02
CA ALA B 11 29.05 -3.99 2.39
C ALA B 11 27.81 -4.13 3.25
N LEU B 12 26.87 -3.19 3.12
CA LEU B 12 25.62 -3.28 3.89
C LEU B 12 24.80 -4.51 3.51
N ALA B 13 24.73 -4.84 2.22
CA ALA B 13 23.98 -6.02 1.81
C ALA B 13 24.60 -7.28 2.40
N LYS B 14 25.93 -7.43 2.28
CA LYS B 14 26.58 -8.61 2.84
C LYS B 14 26.36 -8.69 4.35
N HIS B 15 26.50 -7.57 5.07
CA HIS B 15 26.22 -7.55 6.49
C HIS B 15 24.83 -8.08 6.79
N LEU B 16 23.81 -7.55 6.10
CA LEU B 16 22.44 -7.95 6.40
C LEU B 16 22.19 -9.41 6.03
N TYR B 17 22.73 -9.88 4.89
CA TYR B 17 22.58 -11.28 4.52
C TYR B 17 23.17 -12.19 5.58
N ASP B 18 24.37 -11.85 6.07
CA ASP B 18 25.02 -12.63 7.13
C ASP B 18 24.15 -12.72 8.39
N SER B 19 23.55 -11.60 8.81
CA SER B 19 22.71 -11.61 10.02
C SER B 19 21.45 -12.41 9.83
N TYR B 20 20.85 -12.30 8.65
CA TYR B 20 19.64 -13.04 8.33
C TYR B 20 19.88 -14.55 8.43
N ILE B 21 21.03 -15.02 7.91
CA ILE B 21 21.39 -16.43 8.04
C ILE B 21 21.55 -16.80 9.50
N LYS B 22 22.13 -15.88 10.29
CA LYS B 22 22.35 -16.24 11.68
C LYS B 22 21.03 -16.27 12.45
N SER B 23 20.06 -15.44 12.06
CA SER B 23 18.82 -15.27 12.82
C SER B 23 17.67 -16.20 12.43
N PHE B 24 17.60 -16.65 11.19
CA PHE B 24 16.45 -17.42 10.72
C PHE B 24 16.90 -18.83 10.36
N PRO B 25 16.54 -19.85 11.13
CA PRO B 25 17.06 -21.19 10.82
C PRO B 25 16.53 -21.75 9.50
N LEU B 26 15.31 -21.46 9.10
CA LEU B 26 14.76 -22.04 7.87
C LEU B 26 14.81 -20.98 6.79
N THR B 27 15.84 -21.05 5.97
CA THR B 27 16.07 -20.12 4.89
C THR B 27 15.20 -20.48 3.67
N LYS B 28 15.08 -19.54 2.73
CA LYS B 28 14.32 -19.83 1.51
C LYS B 28 15.02 -20.88 0.65
N ALA B 29 16.35 -20.76 0.52
CA ALA B 29 17.11 -21.78 -0.20
C ALA B 29 16.84 -23.18 0.35
N LYS B 30 16.86 -23.34 1.68
CA LYS B 30 16.60 -24.66 2.26
C LYS B 30 15.16 -25.10 2.00
N ALA B 31 14.20 -24.20 2.23
CA ALA B 31 12.80 -24.51 1.99
C ALA B 31 12.56 -24.99 0.56
N ARG B 32 13.15 -24.31 -0.44
CA ARG B 32 12.97 -24.71 -1.83
C ARG B 32 13.61 -26.07 -2.11
N ALA B 33 14.76 -26.35 -1.50
CA ALA B 33 15.37 -27.66 -1.67
C ALA B 33 14.44 -28.75 -1.16
N ILE B 34 13.80 -28.51 -0.01
CA ILE B 34 12.85 -29.48 0.51
C ILE B 34 11.62 -29.55 -0.40
N LEU B 35 11.10 -28.41 -0.81
CA LEU B 35 9.87 -28.41 -1.61
C LEU B 35 10.08 -29.00 -3.00
N THR B 36 11.22 -28.69 -3.63
CA THR B 36 11.45 -29.21 -4.97
C THR B 36 11.79 -30.69 -4.93
N GLY B 37 12.06 -31.24 -3.75
CA GLY B 37 12.30 -32.66 -3.65
C GLY B 37 13.57 -33.08 -4.34
N LYS B 38 13.49 -34.26 -4.96
CA LYS B 38 14.60 -34.98 -5.58
C LYS B 38 15.60 -35.45 -4.54
N THR B 39 15.41 -35.11 -3.27
CA THR B 39 16.33 -35.45 -2.19
C THR B 39 15.61 -36.38 -1.24
N THR B 40 16.21 -37.56 -0.98
CA THR B 40 15.65 -38.54 -0.07
C THR B 40 15.89 -38.22 1.41
N ASP B 41 16.83 -37.34 1.73
CA ASP B 41 17.10 -37.05 3.14
C ASP B 41 16.25 -35.90 3.68
N LYS B 42 15.69 -35.07 2.81
CA LYS B 42 14.98 -33.88 3.21
C LYS B 42 13.47 -33.98 3.01
N SER B 43 12.97 -35.15 2.66
CA SER B 43 11.55 -35.29 2.31
C SER B 43 10.63 -35.08 3.50
N PRO B 44 9.65 -34.17 3.41
CA PRO B 44 8.68 -33.98 4.50
C PRO B 44 7.56 -35.01 4.52
N PHE B 45 7.01 -35.20 5.72
CA PHE B 45 5.74 -35.90 5.88
C PHE B 45 4.61 -34.94 5.53
N VAL B 46 3.65 -35.41 4.72
CA VAL B 46 2.61 -34.56 4.17
C VAL B 46 1.30 -34.77 4.93
N ILE B 47 0.71 -33.67 5.40
CA ILE B 47 -0.55 -33.69 6.16
C ILE B 47 -1.66 -33.09 5.29
N TYR B 48 -2.63 -33.91 4.95
CA TYR B 48 -3.68 -33.55 4.01
C TYR B 48 -5.07 -33.85 4.55
N ASP B 49 -5.18 -34.49 5.70
CA ASP B 49 -6.48 -34.83 6.27
C ASP B 49 -6.29 -35.14 7.76
N MET B 50 -7.38 -35.55 8.39
CA MET B 50 -7.39 -35.79 9.82
C MET B 50 -6.44 -36.91 10.21
N ASN B 51 -6.51 -38.05 9.51
CA ASN B 51 -5.73 -39.20 9.95
C ASN B 51 -4.24 -38.94 9.80
N SER B 52 -3.82 -38.35 8.67
CA SER B 52 -2.40 -38.08 8.50
C SER B 52 -1.91 -37.05 9.51
N LEU B 53 -2.77 -36.10 9.90
CA LEU B 53 -2.42 -35.22 10.99
C LEU B 53 -2.08 -36.03 12.24
N MET B 54 -2.92 -37.03 12.54
CA MET B 54 -2.70 -37.87 13.71
C MET B 54 -1.43 -38.72 13.57
N MET B 55 -1.14 -39.19 12.37
CA MET B 55 0.09 -39.94 12.16
C MET B 55 1.30 -39.00 12.18
N GLY B 56 1.07 -37.73 11.81
CA GLY B 56 2.15 -36.75 11.78
C GLY B 56 2.79 -36.52 13.13
N GLU B 57 1.96 -36.48 14.19
CA GLU B 57 2.51 -36.25 15.52
C GLU B 57 3.44 -37.39 15.94
N ASP B 58 3.15 -38.62 15.51
CA ASP B 58 4.05 -39.72 15.81
C ASP B 58 5.37 -39.56 15.07
N LYS B 59 5.31 -39.14 13.80
CA LYS B 59 6.50 -39.06 12.96
C LYS B 59 7.34 -37.81 13.23
N ILE B 60 6.71 -36.69 13.55
CA ILE B 60 7.45 -35.48 13.95
C ILE B 60 7.32 -35.24 15.45
N LYS B 73 -8.10 -31.61 22.19
CA LYS B 73 -9.02 -30.59 21.74
C LYS B 73 -9.25 -30.64 20.22
N GLU B 74 -10.12 -29.76 19.73
CA GLU B 74 -10.60 -29.80 18.35
C GLU B 74 -9.46 -29.53 17.36
N VAL B 75 -9.60 -30.10 16.16
CA VAL B 75 -8.52 -30.04 15.18
C VAL B 75 -8.17 -28.59 14.81
N ALA B 76 -9.17 -27.77 14.48
CA ALA B 76 -8.88 -26.42 14.02
C ALA B 76 -8.21 -25.58 15.09
N ILE B 77 -8.57 -25.82 16.36
CA ILE B 77 -7.93 -25.09 17.45
C ILE B 77 -6.48 -25.53 17.60
N ARG B 78 -6.24 -26.84 17.71
CA ARG B 78 -4.88 -27.37 17.75
C ARG B 78 -4.02 -26.74 16.67
N ILE B 79 -4.52 -26.69 15.43
CA ILE B 79 -3.73 -26.11 14.34
C ILE B 79 -3.57 -24.61 14.53
N PHE B 80 -4.65 -23.91 14.86
CA PHE B 80 -4.52 -22.48 15.12
C PHE B 80 -3.53 -22.22 16.24
N GLN B 81 -3.61 -22.99 17.32
CA GLN B 81 -2.66 -22.82 18.41
C GLN B 81 -1.24 -23.09 17.92
N GLY B 82 -1.08 -24.05 17.00
CA GLY B 82 0.23 -24.30 16.45
C GLY B 82 0.82 -23.11 15.71
N CYS B 83 -0.02 -22.37 14.97
CA CYS B 83 0.44 -21.18 14.27
C CYS B 83 0.77 -20.05 15.23
N GLN B 84 -0.01 -19.91 16.30
CA GLN B 84 0.26 -18.91 17.33
C GLN B 84 1.64 -19.14 17.93
N PHE B 85 1.93 -20.38 18.33
CA PHE B 85 3.23 -20.75 18.87
C PHE B 85 4.36 -20.37 17.92
N ARG B 86 4.19 -20.69 16.64
CA ARG B 86 5.25 -20.45 15.66
C ARG B 86 5.39 -18.96 15.34
N SER B 87 4.28 -18.22 15.36
CA SER B 87 4.35 -16.78 15.19
C SER B 87 5.15 -16.12 16.31
N VAL B 88 5.02 -16.63 17.53
CA VAL B 88 5.79 -16.10 18.65
C VAL B 88 7.27 -16.34 18.42
N GLU B 89 7.61 -17.55 18.01
CA GLU B 89 8.99 -17.86 17.65
C GLU B 89 9.47 -16.92 16.55
N ALA B 90 8.64 -16.67 15.54
CA ALA B 90 9.06 -15.81 14.45
C ALA B 90 9.36 -14.40 14.96
N VAL B 91 8.47 -13.87 15.81
CA VAL B 91 8.70 -12.54 16.38
C VAL B 91 10.04 -12.50 17.08
N GLN B 92 10.37 -13.56 17.84
CA GLN B 92 11.65 -13.63 18.52
C GLN B 92 12.81 -13.57 17.54
N GLU B 93 12.69 -14.30 16.42
CA GLU B 93 13.72 -14.28 15.39
C GLU B 93 13.80 -12.92 14.70
N ILE B 94 12.66 -12.33 14.36
CA ILE B 94 12.68 -11.02 13.71
C ILE B 94 13.28 -9.97 14.65
N THR B 95 12.94 -10.04 15.93
CA THR B 95 13.48 -9.06 16.87
C THR B 95 14.99 -9.14 16.94
N GLU B 96 15.53 -10.35 16.92
CA GLU B 96 16.97 -10.53 16.96
C GLU B 96 17.62 -9.99 15.68
N TYR B 97 17.01 -10.24 14.54
CA TYR B 97 17.51 -9.70 13.28
C TYR B 97 17.53 -8.17 13.29
N ALA B 98 16.45 -7.56 13.77
CA ALA B 98 16.33 -6.10 13.75
C ALA B 98 17.47 -5.44 14.51
N LYS B 99 17.88 -6.02 15.64
CA LYS B 99 18.95 -5.44 16.43
C LYS B 99 20.26 -5.35 15.66
N SER B 100 20.43 -6.17 14.61
CA SER B 100 21.62 -6.14 13.78
C SER B 100 21.54 -5.10 12.68
N ILE B 101 20.40 -4.46 12.48
CA ILE B 101 20.28 -3.49 11.41
C ILE B 101 21.00 -2.21 11.84
N PRO B 102 22.09 -1.82 11.17
CA PRO B 102 22.85 -0.63 11.60
C PRO B 102 21.95 0.55 11.90
N GLY B 103 22.07 1.07 13.11
CA GLY B 103 21.34 2.22 13.55
C GLY B 103 20.08 1.88 14.33
N PHE B 104 19.54 0.66 14.16
CA PHE B 104 18.27 0.37 14.80
C PHE B 104 18.36 0.51 16.31
N VAL B 105 19.38 -0.10 16.93
CA VAL B 105 19.46 -0.11 18.39
C VAL B 105 19.77 1.25 18.97
N ASN B 106 20.24 2.19 18.15
CA ASN B 106 20.51 3.56 18.57
C ASN B 106 19.28 4.45 18.60
N LEU B 107 18.15 3.99 18.09
CA LEU B 107 16.95 4.82 18.08
C LEU B 107 16.34 4.87 19.47
N ASP B 108 15.49 5.88 19.66
CA ASP B 108 14.62 5.95 20.83
C ASP B 108 13.95 4.60 21.09
N LEU B 109 14.01 4.16 22.34
CA LEU B 109 13.52 2.84 22.70
C LEU B 109 12.05 2.67 22.33
N ASN B 110 11.25 3.70 22.59
CA ASN B 110 9.83 3.62 22.28
C ASN B 110 9.61 3.45 20.78
N ASP B 111 10.46 4.08 19.98
CA ASP B 111 10.34 3.92 18.54
C ASP B 111 10.75 2.51 18.12
N GLN B 112 11.80 1.96 18.74
CA GLN B 112 12.18 0.57 18.48
C GLN B 112 11.00 -0.35 18.73
N VAL B 113 10.31 -0.17 19.85
CA VAL B 113 9.14 -0.99 20.16
C VAL B 113 8.05 -0.77 19.12
N THR B 114 7.84 0.48 18.69
CA THR B 114 6.80 0.76 17.70
C THR B 114 7.14 0.18 16.34
N LEU B 115 8.39 0.28 15.90
CA LEU B 115 8.75 -0.29 14.60
C LEU B 115 8.53 -1.79 14.59
N LEU B 116 8.82 -2.47 15.70
CA LEU B 116 8.57 -3.90 15.79
C LEU B 116 7.07 -4.20 15.87
N LYS B 117 6.33 -3.43 16.67
CA LYS B 117 4.88 -3.65 16.79
C LYS B 117 4.21 -3.77 15.42
N TYR B 118 4.51 -2.84 14.52
CA TYR B 118 3.83 -2.81 13.24
C TYR B 118 4.57 -3.59 12.16
N GLY B 119 5.82 -3.95 12.40
CA GLY B 119 6.60 -4.56 11.34
C GLY B 119 6.58 -6.07 11.33
N VAL B 120 6.41 -6.71 12.48
CA VAL B 120 6.66 -8.15 12.54
C VAL B 120 5.70 -8.93 11.63
N HIS B 121 4.42 -8.55 11.61
CA HIS B 121 3.47 -9.31 10.80
C HIS B 121 3.76 -9.18 9.31
N GLU B 122 3.97 -7.96 8.82
CA GLU B 122 4.34 -7.77 7.42
C GLU B 122 5.56 -8.64 7.08
N ILE B 123 6.47 -8.81 8.01
CA ILE B 123 7.66 -9.62 7.78
C ILE B 123 7.33 -11.11 7.86
N ILE B 124 6.46 -11.49 8.79
CA ILE B 124 6.05 -12.89 8.91
C ILE B 124 5.44 -13.37 7.60
N TYR B 125 4.53 -12.58 7.03
CA TYR B 125 3.89 -13.00 5.78
C TYR B 125 4.89 -13.02 4.63
N THR B 126 5.84 -12.10 4.61
CA THR B 126 6.88 -12.12 3.59
C THR B 126 7.66 -13.43 3.64
N MET B 127 8.07 -13.84 4.83
CA MET B 127 8.95 -14.98 4.94
C MET B 127 8.17 -16.28 4.87
N LEU B 128 6.90 -16.26 5.28
CA LEU B 128 6.04 -17.42 5.12
C LEU B 128 5.90 -17.80 3.66
N ALA B 129 6.00 -16.82 2.75
CA ALA B 129 5.98 -17.13 1.33
C ALA B 129 7.13 -18.04 0.94
N SER B 130 8.27 -17.93 1.62
CA SER B 130 9.40 -18.80 1.28
C SER B 130 9.08 -20.26 1.51
N LEU B 131 8.15 -20.56 2.40
CA LEU B 131 7.83 -21.92 2.82
C LEU B 131 6.61 -22.46 2.09
N MET B 132 6.09 -21.73 1.11
CA MET B 132 4.84 -22.01 0.45
C MET B 132 5.07 -22.31 -1.03
N ASN B 133 4.22 -23.19 -1.56
CA ASN B 133 3.97 -23.21 -3.00
C ASN B 133 2.47 -23.15 -3.19
N LYS B 134 1.97 -23.30 -4.42
CA LYS B 134 0.53 -23.20 -4.61
C LYS B 134 -0.23 -24.30 -3.85
N ASP B 135 0.45 -25.37 -3.43
CA ASP B 135 -0.24 -26.53 -2.85
C ASP B 135 -0.11 -26.66 -1.34
N GLY B 136 0.77 -25.93 -0.68
CA GLY B 136 0.85 -26.03 0.78
C GLY B 136 2.03 -25.29 1.34
N VAL B 137 2.31 -25.58 2.62
CA VAL B 137 3.29 -24.83 3.40
C VAL B 137 4.13 -25.79 4.23
N LEU B 138 5.43 -25.56 4.28
CA LEU B 138 6.31 -26.31 5.17
C LEU B 138 6.03 -25.95 6.62
N ILE B 139 6.12 -26.95 7.51
CA ILE B 139 5.92 -26.74 8.93
C ILE B 139 7.00 -27.49 9.70
N SER B 140 7.11 -27.17 10.99
CA SER B 140 8.04 -27.78 11.93
C SER B 140 9.45 -27.89 11.34
N GLU B 141 10.03 -26.72 11.06
CA GLU B 141 11.38 -26.61 10.53
C GLU B 141 11.56 -27.44 9.25
N GLY B 142 10.50 -27.54 8.45
CA GLY B 142 10.53 -28.23 7.18
C GLY B 142 10.33 -29.72 7.24
N GLN B 143 10.12 -30.30 8.42
CA GLN B 143 9.88 -31.73 8.51
C GLN B 143 8.49 -32.10 8.05
N GLY B 144 7.55 -31.15 8.06
CA GLY B 144 6.18 -31.41 7.67
C GLY B 144 5.77 -30.56 6.47
N PHE B 145 4.62 -30.91 5.88
CA PHE B 145 4.02 -30.11 4.81
C PHE B 145 2.51 -30.23 4.94
N MET B 146 1.85 -29.12 5.19
CA MET B 146 0.40 -29.08 5.30
C MET B 146 -0.19 -28.55 4.00
N THR B 147 -1.13 -29.29 3.42
CA THR B 147 -1.68 -28.88 2.13
C THR B 147 -2.60 -27.67 2.29
N ARG B 148 -2.65 -26.86 1.24
CA ARG B 148 -3.56 -25.72 1.20
C ARG B 148 -5.00 -26.17 1.43
N GLU B 149 -5.44 -27.19 0.69
CA GLU B 149 -6.83 -27.63 0.73
C GLU B 149 -7.24 -28.09 2.12
N PHE B 150 -6.34 -28.77 2.84
CA PHE B 150 -6.68 -29.21 4.20
C PHE B 150 -6.94 -28.02 5.11
N LEU B 151 -6.10 -26.98 5.02
CA LEU B 151 -6.35 -25.76 5.77
C LEU B 151 -7.67 -25.12 5.37
N LYS B 152 -7.90 -24.99 4.07
CA LYS B 152 -9.12 -24.35 3.57
C LYS B 152 -10.37 -25.07 4.05
N SER B 153 -10.27 -26.36 4.39
CA SER B 153 -11.43 -27.15 4.78
C SER B 153 -11.66 -27.19 6.29
N LEU B 154 -10.87 -26.47 7.07
CA LEU B 154 -11.12 -26.37 8.51
C LEU B 154 -12.41 -25.57 8.76
N ARG B 155 -13.07 -25.90 9.87
CA ARG B 155 -14.41 -25.37 10.12
C ARG B 155 -14.38 -23.88 10.50
N LYS B 156 -15.59 -23.32 10.68
CA LYS B 156 -15.87 -22.00 11.22
C LYS B 156 -15.08 -20.92 10.49
N PRO B 157 -14.40 -20.03 11.22
CA PRO B 157 -13.59 -19.01 10.57
C PRO B 157 -12.17 -19.46 10.26
N PHE B 158 -11.78 -20.63 10.75
CA PHE B 158 -10.40 -21.07 10.62
C PHE B 158 -10.06 -21.50 9.20
N GLY B 159 -11.04 -22.08 8.48
CA GLY B 159 -10.79 -22.45 7.10
C GLY B 159 -10.33 -21.27 6.27
N ASP B 160 -10.89 -20.10 6.53
CA ASP B 160 -10.60 -18.89 5.78
C ASP B 160 -9.36 -18.14 6.30
N PHE B 161 -8.53 -18.77 7.14
CA PHE B 161 -7.43 -18.06 7.78
C PHE B 161 -6.15 -18.01 6.97
N MET B 162 -5.75 -19.11 6.35
CA MET B 162 -4.45 -19.17 5.68
C MET B 162 -4.53 -18.85 4.20
N GLU B 163 -5.71 -19.00 3.59
CA GLU B 163 -5.81 -18.81 2.15
C GLU B 163 -5.36 -17.43 1.66
N PRO B 164 -5.71 -16.32 2.31
CA PRO B 164 -5.12 -15.03 1.87
C PRO B 164 -3.59 -15.05 1.82
N LYS B 165 -2.94 -15.71 2.78
CA LYS B 165 -1.49 -15.80 2.75
C LYS B 165 -1.02 -16.58 1.52
N PHE B 166 -1.68 -17.71 1.22
CA PHE B 166 -1.32 -18.48 0.03
C PHE B 166 -1.46 -17.65 -1.23
N GLU B 167 -2.55 -16.87 -1.33
CA GLU B 167 -2.77 -16.05 -2.51
C GLU B 167 -1.65 -15.02 -2.68
N PHE B 168 -1.23 -14.41 -1.58
CA PHE B 168 -0.08 -13.50 -1.64
C PHE B 168 1.18 -14.23 -2.06
N ALA B 169 1.51 -15.33 -1.39
CA ALA B 169 2.79 -16.01 -1.63
C ALA B 169 2.95 -16.40 -3.10
N VAL B 170 1.87 -16.92 -3.72
CA VAL B 170 1.96 -17.31 -5.13
C VAL B 170 2.43 -16.14 -5.97
N LYS B 171 1.78 -14.98 -5.80
CA LYS B 171 2.20 -13.80 -6.53
C LYS B 171 3.61 -13.35 -6.13
N PHE B 172 3.89 -13.30 -4.81
CA PHE B 172 5.17 -12.79 -4.35
C PHE B 172 6.32 -13.68 -4.81
N ASN B 173 6.15 -15.00 -4.71
CA ASN B 173 7.21 -15.92 -5.12
C ASN B 173 7.50 -15.83 -6.60
N ALA B 174 6.55 -15.34 -7.41
CA ALA B 174 6.81 -15.14 -8.83
C ALA B 174 7.88 -14.08 -9.06
N LEU B 175 8.21 -13.28 -8.05
CA LEU B 175 9.31 -12.32 -8.17
C LEU B 175 10.66 -13.01 -8.14
N GLU B 176 10.72 -14.26 -7.64
CA GLU B 176 11.93 -15.08 -7.62
C GLU B 176 13.07 -14.46 -6.82
N LEU B 177 12.72 -13.85 -5.68
CA LEU B 177 13.77 -13.32 -4.81
C LEU B 177 14.46 -14.46 -4.09
N ASP B 178 15.75 -14.27 -3.80
CA ASP B 178 16.44 -15.20 -2.93
C ASP B 178 16.68 -14.55 -1.57
N ASP B 179 17.38 -15.27 -0.69
CA ASP B 179 17.52 -14.84 0.70
C ASP B 179 18.27 -13.53 0.82
N SER B 180 19.32 -13.35 0.02
CA SER B 180 20.10 -12.11 0.10
C SER B 180 19.25 -10.92 -0.29
N ASP B 181 18.32 -11.10 -1.22
CA ASP B 181 17.36 -10.03 -1.51
C ASP B 181 16.46 -9.78 -0.32
N LEU B 182 15.93 -10.85 0.27
CA LEU B 182 14.92 -10.71 1.31
C LEU B 182 15.52 -10.08 2.56
N ALA B 183 16.78 -10.38 2.86
CA ALA B 183 17.44 -9.78 4.01
C ALA B 183 17.31 -8.25 3.97
N ILE B 184 17.53 -7.64 2.80
CA ILE B 184 17.43 -6.18 2.73
C ILE B 184 15.97 -5.72 2.77
N PHE B 185 15.09 -6.40 2.03
CA PHE B 185 13.68 -6.04 2.02
C PHE B 185 13.06 -6.10 3.42
N ILE B 186 13.38 -7.13 4.19
CA ILE B 186 12.87 -7.24 5.56
C ILE B 186 13.34 -6.04 6.38
N ALA B 187 14.60 -5.64 6.19
CA ALA B 187 15.14 -4.47 6.85
C ALA B 187 14.39 -3.22 6.44
N VAL B 188 14.15 -3.05 5.13
CA VAL B 188 13.46 -1.85 4.66
C VAL B 188 12.09 -1.75 5.33
N ILE B 189 11.39 -2.89 5.49
CA ILE B 189 10.07 -2.88 6.10
C ILE B 189 10.12 -2.38 7.54
N ILE B 190 11.07 -2.93 8.34
CA ILE B 190 11.12 -2.57 9.76
C ILE B 190 11.31 -1.07 9.93
N LEU B 191 12.24 -0.50 9.16
CA LEU B 191 12.59 0.90 9.30
C LEU B 191 11.62 1.77 8.53
N SER B 192 10.33 1.61 8.78
CA SER B 192 9.30 2.42 8.14
C SER B 192 9.01 3.65 8.98
N GLY B 193 9.21 4.83 8.42
CA GLY B 193 8.94 6.03 9.19
C GLY B 193 7.49 6.48 9.29
N ASP B 194 6.56 5.79 8.62
CA ASP B 194 5.15 6.16 8.64
C ASP B 194 4.33 5.35 9.64
N ARG B 195 4.98 4.65 10.55
CA ARG B 195 4.26 3.90 11.55
C ARG B 195 3.58 4.85 12.54
N PRO B 196 2.34 4.56 12.95
CA PRO B 196 1.67 5.43 13.92
C PRO B 196 2.44 5.52 15.24
N GLY B 197 2.53 6.73 15.77
CA GLY B 197 3.07 6.96 17.09
C GLY B 197 4.58 7.12 17.18
N LEU B 198 5.28 7.23 16.05
CA LEU B 198 6.73 7.39 16.09
C LEU B 198 7.11 8.79 16.57
N LEU B 199 8.10 8.85 17.45
CA LEU B 199 8.51 10.14 17.99
C LEU B 199 9.50 10.85 17.07
N ASN B 200 10.48 10.15 16.53
CA ASN B 200 11.57 10.78 15.76
C ASN B 200 11.58 10.13 14.39
N VAL B 201 10.74 10.62 13.48
CA VAL B 201 10.63 9.99 12.17
C VAL B 201 11.94 10.11 11.40
N LYS B 202 12.63 11.25 11.53
CA LYS B 202 13.78 11.54 10.68
C LYS B 202 14.91 10.53 10.80
N PRO B 203 15.39 10.17 12.00
CA PRO B 203 16.46 9.17 12.06
C PRO B 203 16.02 7.80 11.54
N ILE B 204 14.73 7.49 11.61
CA ILE B 204 14.23 6.26 11.00
C ILE B 204 14.32 6.32 9.48
N GLU B 205 13.93 7.45 8.88
CA GLU B 205 13.96 7.61 7.42
C GLU B 205 15.38 7.67 6.85
N ASP B 206 16.34 8.22 7.61
CA ASP B 206 17.71 8.23 7.13
C ASP B 206 18.24 6.81 7.00
N ILE B 207 17.92 5.97 7.98
CA ILE B 207 18.32 4.57 7.89
C ILE B 207 17.65 3.91 6.69
N GLN B 208 16.35 4.15 6.52
CA GLN B 208 15.63 3.49 5.43
C GLN B 208 16.19 3.88 4.06
N ASP B 209 16.64 5.14 3.92
CA ASP B 209 17.25 5.58 2.67
C ASP B 209 18.45 4.74 2.29
N ASN B 210 19.31 4.47 3.26
CA ASN B 210 20.46 3.60 2.98
C ASN B 210 20.02 2.17 2.67
N LEU B 211 18.99 1.68 3.37
CA LEU B 211 18.48 0.34 3.09
C LEU B 211 17.88 0.26 1.69
N LEU B 212 17.13 1.28 1.29
CA LEU B 212 16.54 1.31 -0.05
C LEU B 212 17.62 1.41 -1.11
N GLN B 213 18.62 2.27 -0.88
CA GLN B 213 19.77 2.31 -1.78
C GLN B 213 20.42 0.94 -1.89
N ALA B 214 20.57 0.25 -0.77
CA ALA B 214 21.20 -1.07 -0.80
C ALA B 214 20.34 -2.05 -1.57
N LEU B 215 19.03 -2.04 -1.33
CA LEU B 215 18.14 -2.97 -2.04
C LEU B 215 18.15 -2.70 -3.53
N GLU B 216 18.15 -1.43 -3.93
CA GLU B 216 18.14 -1.08 -5.34
C GLU B 216 19.36 -1.65 -6.05
N LEU B 217 20.54 -1.43 -5.48
CA LEU B 217 21.75 -1.94 -6.10
C LEU B 217 21.79 -3.46 -6.08
N GLN B 218 21.37 -4.06 -4.95
CA GLN B 218 21.32 -5.52 -4.85
C GLN B 218 20.43 -6.13 -5.93
N LEU B 219 19.24 -5.58 -6.13
CA LEU B 219 18.35 -6.14 -7.13
C LEU B 219 18.94 -5.99 -8.53
N LYS B 220 19.56 -4.86 -8.81
CA LYS B 220 20.14 -4.66 -10.14
C LYS B 220 21.25 -5.66 -10.42
N LEU B 221 22.10 -5.93 -9.43
CA LEU B 221 23.21 -6.84 -9.65
C LEU B 221 22.73 -8.29 -9.71
N ASN B 222 21.79 -8.66 -8.85
CA ASN B 222 21.37 -10.05 -8.71
C ASN B 222 20.28 -10.45 -9.71
N HIS B 223 19.57 -9.49 -10.31
CA HIS B 223 18.51 -9.78 -11.28
C HIS B 223 18.60 -8.79 -12.43
N PRO B 224 19.74 -8.76 -13.13
CA PRO B 224 19.95 -7.68 -14.13
C PRO B 224 18.93 -7.69 -15.24
N GLU B 225 18.31 -8.82 -15.54
CA GLU B 225 17.30 -8.88 -16.58
C GLU B 225 15.89 -8.70 -16.04
N SER B 226 15.72 -8.56 -14.72
CA SER B 226 14.40 -8.40 -14.12
C SER B 226 14.10 -6.91 -14.06
N SER B 227 13.43 -6.41 -15.10
CA SER B 227 13.24 -4.98 -15.30
C SER B 227 12.31 -4.42 -14.23
N GLN B 228 12.76 -3.34 -13.58
CA GLN B 228 11.96 -2.63 -12.56
C GLN B 228 11.52 -3.56 -11.43
N LEU B 229 12.38 -4.51 -11.07
CA LEU B 229 12.06 -5.38 -9.94
C LEU B 229 11.99 -4.58 -8.65
N PHE B 230 12.88 -3.60 -8.50
CA PHE B 230 12.88 -2.74 -7.33
C PHE B 230 11.51 -2.11 -7.09
N ALA B 231 10.99 -1.38 -8.08
CA ALA B 231 9.65 -0.81 -7.97
C ALA B 231 8.60 -1.88 -7.73
N LYS B 232 8.68 -3.01 -8.44
CA LYS B 232 7.68 -4.05 -8.28
C LYS B 232 7.70 -4.60 -6.86
N LEU B 233 8.90 -4.78 -6.29
CA LEU B 233 8.99 -5.24 -4.92
C LEU B 233 8.38 -4.23 -3.93
N LEU B 234 8.56 -2.92 -4.16
CA LEU B 234 7.98 -1.94 -3.24
C LEU B 234 6.46 -1.96 -3.32
N GLN B 235 5.91 -2.16 -4.51
CA GLN B 235 4.46 -2.22 -4.64
C GLN B 235 3.88 -3.40 -3.88
N LYS B 236 4.66 -4.45 -3.62
CA LYS B 236 4.20 -5.57 -2.80
C LYS B 236 4.01 -5.18 -1.35
N MET B 237 4.69 -4.14 -0.87
CA MET B 237 4.49 -3.69 0.50
C MET B 237 3.08 -3.14 0.70
N THR B 238 2.40 -2.83 -0.39
CA THR B 238 0.96 -2.53 -0.31
C THR B 238 0.16 -3.80 -0.06
N ASP B 239 0.44 -4.87 -0.79
CA ASP B 239 -0.27 -6.13 -0.56
C ASP B 239 -0.09 -6.62 0.87
N LEU B 240 1.07 -6.38 1.47
CA LEU B 240 1.32 -6.81 2.85
C LEU B 240 0.38 -6.08 3.80
N ARG B 241 0.27 -4.77 3.65
CA ARG B 241 -0.57 -3.99 4.55
C ARG B 241 -2.00 -4.51 4.58
N GLN B 242 -2.57 -4.87 3.42
CA GLN B 242 -3.96 -5.30 3.36
C GLN B 242 -4.16 -6.63 4.08
N ILE B 243 -3.20 -7.54 3.95
CA ILE B 243 -3.31 -8.85 4.58
C ILE B 243 -3.23 -8.76 6.09
N VAL B 244 -2.38 -7.87 6.61
CA VAL B 244 -2.32 -7.68 8.06
C VAL B 244 -3.67 -7.24 8.58
N THR B 245 -4.29 -6.26 7.91
CA THR B 245 -5.62 -5.80 8.29
C THR B 245 -6.63 -6.93 8.29
N GLU B 246 -6.71 -7.64 7.18
CA GLU B 246 -7.62 -8.77 7.07
C GLU B 246 -7.40 -9.76 8.21
N HIS B 247 -6.15 -10.08 8.50
CA HIS B 247 -5.85 -11.05 9.56
C HIS B 247 -6.35 -10.56 10.92
N VAL B 248 -6.02 -9.32 11.27
CA VAL B 248 -6.40 -8.76 12.56
C VAL B 248 -7.91 -8.78 12.75
N GLN B 249 -8.66 -8.49 11.68
CA GLN B 249 -10.11 -8.56 11.78
C GLN B 249 -10.59 -9.99 12.04
N LEU B 250 -9.92 -10.98 11.44
CA LEU B 250 -10.33 -12.36 11.70
C LEU B 250 -10.04 -12.76 13.14
N LEU B 251 -8.89 -12.36 13.68
CA LEU B 251 -8.60 -12.63 15.08
C LEU B 251 -9.69 -12.09 15.97
N GLN B 252 -10.05 -10.81 15.80
CA GLN B 252 -11.09 -10.21 16.62
C GLN B 252 -12.36 -11.05 16.62
N VAL B 253 -12.71 -11.62 15.47
CA VAL B 253 -13.92 -12.44 15.42
C VAL B 253 -13.80 -13.64 16.36
N ILE B 254 -12.64 -14.28 16.36
CA ILE B 254 -12.45 -15.46 17.20
C ILE B 254 -12.45 -15.10 18.68
N LYS B 255 -11.82 -13.97 19.04
CA LYS B 255 -11.82 -13.54 20.43
C LYS B 255 -13.23 -13.36 20.97
N LYS B 256 -14.18 -12.98 20.10
CA LYS B 256 -15.57 -12.81 20.51
C LYS B 256 -16.38 -14.09 20.40
N THR B 257 -15.84 -15.13 19.78
CA THR B 257 -16.58 -16.37 19.58
C THR B 257 -16.09 -17.52 20.43
N GLU B 258 -14.77 -17.67 20.58
CA GLU B 258 -14.19 -18.74 21.39
C GLU B 258 -13.86 -18.12 22.75
N THR B 259 -14.70 -18.37 23.75
CA THR B 259 -14.47 -17.77 25.06
C THR B 259 -13.29 -18.40 25.81
N ASP B 260 -12.91 -19.62 25.46
CA ASP B 260 -11.91 -20.37 26.21
C ASP B 260 -10.52 -20.27 25.59
N MET B 261 -10.37 -19.51 24.52
CA MET B 261 -9.13 -19.53 23.76
C MET B 261 -8.24 -18.35 24.10
N SER B 262 -6.93 -18.57 24.08
CA SER B 262 -5.96 -17.64 24.63
C SER B 262 -4.82 -17.33 23.65
N LEU B 263 -4.32 -16.10 23.72
CA LEU B 263 -3.17 -15.68 22.92
C LEU B 263 -1.93 -15.52 23.79
N HIS B 264 -0.78 -15.64 23.14
CA HIS B 264 0.50 -15.40 23.80
C HIS B 264 0.59 -13.93 24.24
N PRO B 265 1.14 -13.66 25.42
CA PRO B 265 1.31 -12.25 25.84
C PRO B 265 1.97 -11.40 24.76
N LEU B 266 3.03 -11.94 24.14
CA LEU B 266 3.75 -11.21 23.11
C LEU B 266 2.83 -10.83 21.95
N LEU B 267 2.06 -11.80 21.47
CA LEU B 267 1.12 -11.51 20.38
C LEU B 267 0.01 -10.59 20.88
N GLN B 268 -0.47 -10.83 22.10
CA GLN B 268 -1.50 -9.99 22.69
C GLN B 268 -1.10 -8.51 22.66
N GLU B 269 0.13 -8.20 23.07
CA GLU B 269 0.55 -6.80 23.09
C GLU B 269 0.69 -6.23 21.69
N ILE B 270 1.25 -7.01 20.76
CA ILE B 270 1.44 -6.53 19.39
C ILE B 270 0.12 -6.06 18.79
N TYR B 271 -0.98 -6.74 19.10
CA TYR B 271 -2.22 -6.41 18.40
C TYR B 271 -2.97 -5.25 19.04
N LYS B 272 -2.62 -4.85 20.26
CA LYS B 272 -3.23 -3.69 20.90
C LYS B 272 -3.07 -2.49 19.99
N ASP B 273 -4.18 -2.04 19.38
CA ASP B 273 -4.16 -0.98 18.38
C ASP B 273 -3.25 -1.31 17.19
C1 A1IQC C . -10.98 18.37 -7.54
C10 A1IQC C . -12.40 10.64 -3.88
C11 A1IQC C . -13.41 10.05 -4.58
C12 A1IQC C . -14.74 10.37 -4.31
C13 A1IQC C . -15.05 11.30 -3.34
C14 A1IQC C . -16.51 11.60 -3.08
C15 A1IQC C . -13.48 15.15 -0.69
C16 A1IQC C . -13.56 15.14 0.70
C17 A1IQC C . -13.12 16.27 1.36
C18 A1IQC C . -12.68 17.39 0.69
C19 A1IQC C . -12.63 17.41 -0.68
C2 A1IQC C . -11.56 17.75 -6.31
C20 A1IQC C . -13.02 16.28 -1.40
C21 A1IQC C . -13.03 17.90 -4.39
C22 A1IQC C . -14.44 19.81 -4.14
C23 A1IQC C . -15.57 20.28 -3.26
C24 A1IQC C . -16.70 20.84 -3.83
C25 A1IQC C . -17.75 21.28 -3.02
C26 A1IQC C . -17.66 21.16 -1.65
C27 A1IQC C . -16.53 20.60 -1.09
C28 A1IQC C . -15.49 20.17 -1.88
C29 A1IQC C . -12.47 18.47 -5.53
C3 A1IQC C . -11.18 16.48 -5.92
C4 A1IQC C . -11.72 15.92 -4.78
C5 A1IQC C . -12.65 16.61 -4.01
C6 A1IQC C . -13.10 15.92 -2.79
C7 A1IQC C . -14.30 12.90 -1.52
C8 A1IQC C . -14.02 11.91 -2.61
C9 A1IQC C . -12.70 11.57 -2.90
F1 A1IQC C . -16.98 10.99 -2.01
F2 A1IQC C . -17.29 11.18 -4.07
F3 A1IQC C . -16.76 12.90 -2.92
N1 A1IQC C . -13.52 14.67 -2.91
N2 A1IQC C . -13.79 14.20 -1.66
O1 A1IQC C . -11.20 19.59 -7.76
O2 A1IQC C . -10.29 17.62 -8.28
O3 A1IQC C . -14.99 12.66 -0.56
O4 A1IQC C . -13.94 18.57 -3.64
CL1 A1IQC C . -11.36 12.27 -2.05
CL2 A1IQC C . -12.07 18.86 -1.48
#